data_2AJP
#
_entry.id   2AJP
#
_cell.length_a   92.132
_cell.length_b   114.971
_cell.length_c   169.261
_cell.angle_alpha   90.00
_cell.angle_beta   90.00
_cell.angle_gamma   90.00
#
_symmetry.space_group_name_H-M   'I 2 2 2'
#
loop_
_entity.id
_entity.type
_entity.pdbx_description
1 polymer 'Pyridoxal kinase'
2 non-polymer 'MAGNESIUM ION'
3 non-polymer 'UNKNOWN ATOM OR ION'
4 non-polymer 'PHOSPHOAMINOPHOSPHONIC ACID-ADENYLATE ESTER'
#
_entity_poly.entity_id   1
_entity_poly.type   'polypeptide(L)'
_entity_poly.pdbx_seq_one_letter_code
;MGSSHHHHHHSSGLVPRGSRVLSIQSHVIRGYVGNRAATFPLQVLGFEIDAVNSVQFSNHTGYAHWKGQVLNSDELQELY
EGLRLNNMNKYDYVLTGYTRDKSFLAMVVDIVQELKQQNPRLVYVCDPVLGDKWDGEGSMYVPEDLLPVYKEKVVPLADI
ITPNQFEAELLSGRKIHSQEEALRVMDMLHSMGPDTVVITSSDLPSPQGSNYLIVLGSQRRRNPAGSVVMERIRMDIRKV
DAVFVGTGDLFAAMLLAWTHKHPNNLKVACEKTVSTLHHVLQRTIQCAKAQAGEGVRPSPMQLELRMVQSKRDIEDPEIV
VQATVL
;
_entity_poly.pdbx_strand_id   A,B
#
# COMPACT_ATOMS: atom_id res chain seq x y z
N SER A 19 10.42 -7.97 -11.23
CA SER A 19 9.31 -8.77 -11.80
C SER A 19 7.94 -8.28 -11.29
N ARG A 20 6.89 -8.56 -12.04
CA ARG A 20 5.59 -7.95 -11.77
C ARG A 20 4.66 -8.96 -11.20
N VAL A 21 3.88 -8.52 -10.22
CA VAL A 21 3.05 -9.37 -9.45
C VAL A 21 1.66 -8.78 -9.36
N LEU A 22 0.64 -9.60 -9.66
CA LEU A 22 -0.74 -9.19 -9.48
C LEU A 22 -1.29 -9.90 -8.27
N SER A 23 -1.58 -9.13 -7.21
CA SER A 23 -2.03 -9.70 -5.97
C SER A 23 -3.49 -9.34 -5.72
N ILE A 24 -4.34 -10.35 -5.62
CA ILE A 24 -5.78 -10.13 -5.53
C ILE A 24 -6.33 -10.65 -4.21
N GLN A 25 -6.48 -9.76 -3.25
CA GLN A 25 -6.88 -10.10 -1.89
C GLN A 25 -7.47 -8.86 -1.25
N SER A 26 -7.89 -8.98 0.00
CA SER A 26 -8.58 -7.93 0.69
C SER A 26 -7.71 -6.69 1.00
N HIS A 27 -8.36 -5.58 1.29
CA HIS A 27 -7.67 -4.41 1.76
C HIS A 27 -8.42 -3.92 2.98
N VAL A 28 -7.68 -3.45 3.97
CA VAL A 28 -8.28 -2.87 5.18
C VAL A 28 -7.61 -1.52 5.42
N ILE A 29 -8.30 -0.62 6.10
CA ILE A 29 -7.81 0.72 6.30
C ILE A 29 -6.84 0.71 7.47
N ARG A 30 -7.34 0.34 8.66
CA ARG A 30 -6.44 0.06 9.79
C ARG A 30 -6.07 -1.39 9.75
N GLY A 31 -4.78 -1.69 9.80
CA GLY A 31 -4.34 -3.07 9.90
C GLY A 31 -3.56 -3.68 8.75
N TYR A 32 -3.20 -4.96 8.94
CA TYR A 32 -2.32 -5.67 8.04
C TYR A 32 -2.82 -7.09 7.76
N VAL A 33 -3.72 -7.19 6.77
CA VAL A 33 -4.21 -8.48 6.29
C VAL A 33 -4.34 -8.38 4.75
N GLY A 34 -4.34 -9.53 4.07
CA GLY A 34 -4.38 -9.55 2.60
C GLY A 34 -3.35 -8.62 1.98
N ASN A 35 -3.79 -7.70 1.10
CA ASN A 35 -2.87 -6.82 0.34
C ASN A 35 -2.07 -5.88 1.24
N ARG A 36 -2.65 -5.51 2.36
CA ARG A 36 -1.92 -4.77 3.39
C ARG A 36 -0.69 -5.54 3.90
N ALA A 37 -0.85 -6.83 4.18
CA ALA A 37 0.27 -7.68 4.63
C ALA A 37 1.23 -8.06 3.52
N ALA A 38 0.79 -8.00 2.24
CA ALA A 38 1.64 -8.52 1.15
C ALA A 38 2.34 -7.45 0.35
N THR A 39 1.72 -6.28 0.24
CA THR A 39 2.24 -5.18 -0.60
C THR A 39 3.56 -4.59 -0.12
N PHE A 40 3.55 -3.84 0.99
CA PHE A 40 4.81 -3.24 1.52
C PHE A 40 6.00 -4.22 1.49
N PRO A 41 5.83 -5.44 2.06
CA PRO A 41 7.01 -6.34 2.07
C PRO A 41 7.55 -6.68 0.68
N LEU A 42 6.64 -6.95 -0.26
CA LEU A 42 7.09 -7.25 -1.61
C LEU A 42 7.63 -6.01 -2.30
N GLN A 43 7.07 -4.85 -1.98
CA GLN A 43 7.64 -3.57 -2.49
C GLN A 43 9.08 -3.33 -1.99
N VAL A 44 9.28 -3.43 -0.67
CA VAL A 44 10.61 -3.39 0.00
C VAL A 44 11.62 -4.27 -0.72
N LEU A 45 11.18 -5.47 -1.14
CA LEU A 45 12.08 -6.46 -1.78
C LEU A 45 12.29 -6.23 -3.29
N GLY A 46 11.75 -5.12 -3.82
CA GLY A 46 11.98 -4.72 -5.22
C GLY A 46 10.95 -5.24 -6.24
N PHE A 47 9.83 -5.79 -5.77
CA PHE A 47 8.80 -6.25 -6.69
C PHE A 47 7.83 -5.16 -7.08
N GLU A 48 7.49 -5.16 -8.37
CA GLU A 48 6.53 -4.29 -8.94
C GLU A 48 5.17 -4.97 -8.72
N ILE A 49 4.60 -4.77 -7.55
CA ILE A 49 3.35 -5.42 -7.22
C ILE A 49 2.14 -4.51 -7.47
N ASP A 50 1.15 -5.09 -8.16
CA ASP A 50 -0.10 -4.44 -8.41
C ASP A 50 -1.12 -5.15 -7.59
N ALA A 51 -1.86 -4.36 -6.80
CA ALA A 51 -2.81 -4.82 -5.83
C ALA A 51 -4.25 -4.61 -6.31
N VAL A 52 -4.99 -5.72 -6.46
CA VAL A 52 -6.42 -5.67 -6.67
C VAL A 52 -7.11 -5.93 -5.35
N ASN A 53 -7.82 -4.91 -4.87
CA ASN A 53 -8.46 -5.00 -3.58
C ASN A 53 -9.79 -5.66 -3.70
N SER A 54 -9.86 -6.89 -3.23
CA SER A 54 -11.05 -7.70 -3.39
C SER A 54 -12.19 -7.26 -2.45
N VAL A 55 -11.85 -6.43 -1.46
CA VAL A 55 -12.80 -5.81 -0.52
C VAL A 55 -12.05 -4.62 0.03
N GLN A 56 -12.77 -3.66 0.58
CA GLN A 56 -12.16 -2.56 1.33
C GLN A 56 -12.93 -2.39 2.63
N PHE A 57 -12.35 -2.86 3.72
CA PHE A 57 -13.00 -2.81 5.03
C PHE A 57 -12.29 -1.84 5.93
N SER A 58 -12.98 -1.44 6.99
CA SER A 58 -12.38 -0.55 7.97
C SER A 58 -11.20 -1.27 8.67
N ASN A 59 -11.38 -2.57 8.91
CA ASN A 59 -10.40 -3.38 9.64
C ASN A 59 -10.73 -4.85 9.42
N HIS A 60 -9.86 -5.76 9.88
CA HIS A 60 -10.14 -7.22 9.76
C HIS A 60 -11.35 -7.71 10.60
N THR A 61 -11.80 -8.94 10.33
CA THR A 61 -13.06 -9.45 10.93
C THR A 61 -12.90 -10.00 12.35
N GLY A 62 -11.66 -10.08 12.83
CA GLY A 62 -11.39 -10.44 14.21
C GLY A 62 -11.72 -9.35 15.24
N TYR A 63 -12.01 -8.13 14.77
CA TYR A 63 -12.43 -7.05 15.69
C TYR A 63 -13.90 -7.21 16.07
N ALA A 64 -14.32 -6.52 17.12
CA ALA A 64 -15.72 -6.54 17.54
C ALA A 64 -16.62 -6.00 16.42
N HIS A 65 -16.16 -4.97 15.72
CA HIS A 65 -16.92 -4.42 14.58
C HIS A 65 -16.10 -4.39 13.30
N TRP A 66 -16.79 -4.38 12.17
CA TRP A 66 -16.19 -4.00 10.89
C TRP A 66 -17.25 -3.44 9.96
N LYS A 67 -16.81 -2.69 8.93
CA LYS A 67 -17.70 -2.07 7.96
C LYS A 67 -16.91 -1.89 6.67
N GLY A 68 -17.55 -2.10 5.52
CA GLY A 68 -16.94 -1.76 4.23
C GLY A 68 -17.68 -2.38 3.07
N GLN A 69 -17.06 -2.33 1.88
CA GLN A 69 -17.67 -2.82 0.66
C GLN A 69 -16.85 -3.95 0.05
N VAL A 70 -17.50 -4.78 -0.76
CA VAL A 70 -16.82 -5.86 -1.46
C VAL A 70 -16.74 -5.52 -2.93
N LEU A 71 -15.82 -6.16 -3.63
CA LEU A 71 -15.73 -6.11 -5.07
C LEU A 71 -16.40 -7.36 -5.66
N ASN A 72 -17.40 -7.16 -6.53
CA ASN A 72 -18.04 -8.27 -7.24
C ASN A 72 -17.26 -8.64 -8.50
N SER A 73 -17.52 -9.83 -9.03
CA SER A 73 -16.72 -10.37 -10.15
C SER A 73 -16.86 -9.59 -11.47
N ASP A 74 -18.00 -8.92 -11.66
CA ASP A 74 -18.17 -8.01 -12.83
C ASP A 74 -17.17 -6.83 -12.73
N GLU A 75 -17.05 -6.28 -11.53
CA GLU A 75 -16.06 -5.21 -11.30
C GLU A 75 -14.60 -5.70 -11.50
N LEU A 76 -14.31 -6.95 -11.09
CA LEU A 76 -12.98 -7.52 -11.28
C LEU A 76 -12.62 -7.62 -12.76
N GLN A 77 -13.59 -8.10 -13.53
CA GLN A 77 -13.43 -8.16 -14.98
C GLN A 77 -13.25 -6.76 -15.58
N GLU A 78 -14.04 -5.79 -15.12
CA GLU A 78 -13.82 -4.40 -15.57
C GLU A 78 -12.35 -3.96 -15.42
N LEU A 79 -11.79 -4.12 -14.21
CA LEU A 79 -10.40 -3.74 -13.94
C LEU A 79 -9.46 -4.49 -14.85
N TYR A 80 -9.70 -5.79 -15.04
CA TYR A 80 -8.84 -6.58 -15.91
C TYR A 80 -8.90 -6.13 -17.39
N GLU A 81 -10.11 -5.78 -17.87
CA GLU A 81 -10.29 -5.24 -19.23
C GLU A 81 -9.50 -3.96 -19.39
N GLY A 82 -9.67 -3.06 -18.41
CA GLY A 82 -8.83 -1.86 -18.29
C GLY A 82 -7.38 -2.16 -18.54
N LEU A 83 -6.85 -3.19 -17.88
CA LEU A 83 -5.44 -3.59 -18.07
C LEU A 83 -5.17 -4.15 -19.44
N ARG A 84 -6.10 -4.94 -19.95
CA ARG A 84 -5.91 -5.56 -21.26
C ARG A 84 -5.91 -4.51 -22.36
N LEU A 85 -6.94 -3.65 -22.36
CA LEU A 85 -7.01 -2.56 -23.36
C LEU A 85 -5.69 -1.79 -23.50
N ASN A 86 -4.97 -1.60 -22.39
CA ASN A 86 -3.66 -0.93 -22.42
C ASN A 86 -2.49 -1.85 -22.66
N ASN A 87 -2.79 -3.15 -22.85
CA ASN A 87 -1.75 -4.13 -23.06
C ASN A 87 -0.83 -4.21 -21.80
N MET A 88 -1.45 -4.09 -20.62
CA MET A 88 -0.70 -4.13 -19.36
C MET A 88 -0.85 -5.50 -18.65
N ASN A 89 -1.75 -6.32 -19.18
CA ASN A 89 -2.01 -7.66 -18.65
C ASN A 89 -0.84 -8.70 -18.84
N LYS A 90 0.40 -8.30 -18.58
CA LYS A 90 1.54 -9.23 -18.64
C LYS A 90 2.29 -9.27 -17.31
N TYR A 91 2.12 -10.36 -16.58
CA TYR A 91 2.69 -10.45 -15.23
C TYR A 91 3.63 -11.60 -15.13
N ASP A 92 4.58 -11.47 -14.22
CA ASP A 92 5.51 -12.53 -13.96
C ASP A 92 4.94 -13.47 -12.91
N TYR A 93 4.05 -12.94 -12.05
CA TYR A 93 3.36 -13.71 -10.96
C TYR A 93 1.95 -13.26 -10.71
N VAL A 94 1.14 -14.20 -10.21
CA VAL A 94 -0.13 -13.86 -9.64
C VAL A 94 -0.13 -14.42 -8.23
N LEU A 95 -0.68 -13.66 -7.30
CA LEU A 95 -0.78 -14.02 -5.92
C LEU A 95 -2.21 -13.91 -5.47
N THR A 96 -2.82 -15.01 -5.02
CA THR A 96 -4.20 -14.91 -4.47
C THR A 96 -4.34 -15.44 -3.06
N GLY A 97 -5.36 -14.98 -2.34
CA GLY A 97 -5.58 -15.41 -0.97
C GLY A 97 -7.06 -15.56 -0.64
N TYR A 98 -7.41 -15.15 0.57
CA TYR A 98 -8.76 -15.27 1.12
C TYR A 98 -9.86 -14.64 0.26
N THR A 99 -10.85 -15.46 -0.12
CA THR A 99 -11.97 -15.05 -0.92
C THR A 99 -13.29 -15.69 -0.43
N ARG A 100 -14.35 -14.89 -0.36
CA ARG A 100 -15.68 -15.36 0.14
C ARG A 100 -16.67 -15.83 -0.95
N ASP A 101 -16.56 -15.32 -2.19
CA ASP A 101 -17.54 -15.61 -3.25
C ASP A 101 -16.99 -16.58 -4.28
N LYS A 102 -17.75 -17.67 -4.52
CA LYS A 102 -17.44 -18.63 -5.59
C LYS A 102 -17.36 -17.95 -6.96
N SER A 103 -18.29 -17.04 -7.21
CA SER A 103 -18.31 -16.20 -8.42
C SER A 103 -16.98 -15.45 -8.62
N PHE A 104 -16.58 -14.69 -7.58
CA PHE A 104 -15.29 -13.99 -7.58
C PHE A 104 -14.14 -14.93 -7.85
N LEU A 105 -14.13 -16.06 -7.13
CA LEU A 105 -13.07 -17.07 -7.36
C LEU A 105 -13.03 -17.59 -8.79
N ALA A 106 -14.19 -17.92 -9.34
CA ALA A 106 -14.24 -18.40 -10.73
C ALA A 106 -13.67 -17.34 -11.69
N MET A 107 -14.03 -16.07 -11.47
CA MET A 107 -13.44 -14.96 -12.28
C MET A 107 -11.94 -14.86 -12.13
N VAL A 108 -11.44 -15.04 -10.90
CA VAL A 108 -9.98 -15.09 -10.67
C VAL A 108 -9.38 -16.20 -11.54
N VAL A 109 -9.98 -17.40 -11.50
CA VAL A 109 -9.50 -18.52 -12.38
C VAL A 109 -9.37 -18.09 -13.86
N ASP A 110 -10.44 -17.48 -14.41
CA ASP A 110 -10.41 -17.05 -15.84
C ASP A 110 -9.25 -16.09 -16.11
N ILE A 111 -9.07 -15.12 -15.20
CA ILE A 111 -7.98 -14.14 -15.32
C ILE A 111 -6.63 -14.81 -15.35
N VAL A 112 -6.37 -15.74 -14.41
CA VAL A 112 -5.09 -16.48 -14.43
C VAL A 112 -4.92 -17.30 -15.71
N GLN A 113 -5.98 -18.04 -16.11
CA GLN A 113 -5.98 -18.78 -17.39
C GLN A 113 -5.42 -17.88 -18.45
N GLU A 114 -6.03 -16.70 -18.61
CA GLU A 114 -5.58 -15.77 -19.64
C GLU A 114 -4.17 -15.19 -19.44
N LEU A 115 -3.82 -14.79 -18.22
CA LEU A 115 -2.45 -14.29 -18.00
C LEU A 115 -1.42 -15.39 -18.33
N LYS A 116 -1.78 -16.65 -18.05
CA LYS A 116 -0.92 -17.81 -18.40
C LYS A 116 -0.78 -18.04 -19.90
N GLN A 117 -1.84 -17.75 -20.66
CA GLN A 117 -1.73 -17.75 -22.13
C GLN A 117 -0.92 -16.57 -22.60
N GLN A 118 -1.11 -15.42 -21.97
CA GLN A 118 -0.31 -14.23 -22.25
C GLN A 118 1.17 -14.42 -21.90
N ASN A 119 1.45 -15.06 -20.77
CA ASN A 119 2.80 -15.39 -20.36
C ASN A 119 2.81 -16.80 -19.79
N PRO A 120 3.37 -17.77 -20.54
CA PRO A 120 3.30 -19.15 -20.06
C PRO A 120 4.33 -19.42 -18.95
N ARG A 121 5.28 -18.50 -18.75
CA ARG A 121 6.27 -18.60 -17.64
C ARG A 121 5.76 -18.01 -16.32
N LEU A 122 4.50 -17.58 -16.30
CA LEU A 122 3.89 -16.99 -15.13
C LEU A 122 3.85 -17.97 -13.96
N VAL A 123 4.26 -17.53 -12.77
CA VAL A 123 4.10 -18.35 -11.57
C VAL A 123 2.84 -17.90 -10.81
N TYR A 124 1.89 -18.81 -10.71
CA TYR A 124 0.72 -18.54 -9.91
C TYR A 124 0.93 -19.02 -8.46
N VAL A 125 1.00 -18.06 -7.53
CA VAL A 125 1.00 -18.39 -6.08
C VAL A 125 -0.39 -18.31 -5.49
N CYS A 126 -0.93 -19.46 -5.12
CA CYS A 126 -2.26 -19.53 -4.54
C CYS A 126 -2.23 -19.91 -3.06
N ASP A 127 -2.88 -19.08 -2.24
CA ASP A 127 -3.11 -19.41 -0.85
C ASP A 127 -4.56 -19.87 -0.71
N PRO A 128 -4.77 -21.20 -0.56
CA PRO A 128 -6.11 -21.77 -0.60
C PRO A 128 -6.77 -21.63 0.74
N VAL A 129 -7.30 -20.44 1.01
CA VAL A 129 -7.84 -20.14 2.30
C VAL A 129 -9.25 -20.71 2.40
N LEU A 130 -9.43 -21.66 3.32
CA LEU A 130 -10.67 -22.40 3.47
C LEU A 130 -11.10 -22.43 4.92
N GLY A 131 -10.13 -22.52 5.82
CA GLY A 131 -10.43 -22.69 7.25
C GLY A 131 -9.18 -22.99 8.06
N ASP A 132 -9.37 -23.44 9.29
CA ASP A 132 -8.24 -23.69 10.21
C ASP A 132 -8.66 -24.55 11.40
N LYS A 133 -7.67 -25.09 12.13
CA LYS A 133 -7.92 -25.94 13.31
C LYS A 133 -7.87 -25.14 14.61
N TRP A 134 -8.93 -24.36 14.85
CA TRP A 134 -9.05 -23.42 15.99
C TRP A 134 -8.98 -24.04 17.41
N ASP A 135 -8.77 -25.37 17.47
CA ASP A 135 -8.61 -26.11 18.75
C ASP A 135 -7.99 -27.49 18.47
N GLY A 136 -8.84 -28.43 18.08
CA GLY A 136 -8.41 -29.76 17.65
C GLY A 136 -9.26 -30.12 16.45
N GLU A 137 -10.56 -29.81 16.55
CA GLU A 137 -11.45 -29.89 15.41
C GLU A 137 -11.16 -28.72 14.48
N GLY A 138 -11.08 -29.01 13.18
CA GLY A 138 -10.98 -27.94 12.19
C GLY A 138 -12.35 -27.41 11.83
N SER A 139 -12.43 -26.11 11.52
CA SER A 139 -13.71 -25.47 11.14
C SER A 139 -13.54 -24.55 9.90
N MET A 140 -14.42 -24.70 8.89
CA MET A 140 -14.38 -23.88 7.66
C MET A 140 -14.69 -22.39 7.87
N TYR A 141 -13.90 -21.53 7.20
CA TYR A 141 -14.03 -20.04 7.29
C TYR A 141 -14.88 -19.52 6.15
N VAL A 142 -15.19 -20.42 5.23
CA VAL A 142 -15.59 -20.07 3.88
C VAL A 142 -16.85 -20.89 3.51
N PRO A 143 -17.75 -20.32 2.68
CA PRO A 143 -18.86 -21.15 2.14
C PRO A 143 -18.33 -22.48 1.57
N GLU A 144 -19.09 -23.56 1.75
CA GLU A 144 -18.65 -24.90 1.40
C GLU A 144 -18.45 -25.13 -0.10
N ASP A 145 -19.30 -24.53 -0.93
CA ASP A 145 -19.22 -24.67 -2.39
C ASP A 145 -17.88 -24.20 -3.00
N LEU A 146 -17.07 -23.45 -2.25
CA LEU A 146 -15.75 -23.00 -2.75
C LEU A 146 -14.74 -24.13 -2.92
N LEU A 147 -14.87 -25.16 -2.08
CA LEU A 147 -13.98 -26.33 -2.11
C LEU A 147 -13.80 -26.99 -3.50
N PRO A 148 -14.93 -27.35 -4.18
CA PRO A 148 -14.83 -27.87 -5.56
C PRO A 148 -14.10 -26.95 -6.53
N VAL A 149 -14.40 -25.65 -6.49
CA VAL A 149 -13.71 -24.68 -7.37
C VAL A 149 -12.21 -24.74 -7.13
N TYR A 150 -11.83 -24.79 -5.86
CA TYR A 150 -10.42 -24.92 -5.47
C TYR A 150 -9.78 -26.21 -5.94
N LYS A 151 -10.42 -27.34 -5.60
CA LYS A 151 -9.94 -28.67 -6.05
C LYS A 151 -9.83 -28.74 -7.58
N GLU A 152 -10.88 -28.33 -8.27
CA GLU A 152 -11.03 -28.59 -9.71
C GLU A 152 -10.48 -27.48 -10.60
N LYS A 153 -10.63 -26.24 -10.15
CA LYS A 153 -10.29 -25.14 -10.99
C LYS A 153 -9.01 -24.43 -10.54
N VAL A 154 -8.91 -24.10 -9.26
CA VAL A 154 -7.82 -23.23 -8.78
C VAL A 154 -6.52 -23.97 -8.61
N VAL A 155 -6.51 -25.04 -7.80
CA VAL A 155 -5.27 -25.78 -7.53
C VAL A 155 -4.58 -26.32 -8.81
N PRO A 156 -5.33 -26.99 -9.72
CA PRO A 156 -4.70 -27.45 -10.97
C PRO A 156 -3.99 -26.35 -11.75
N LEU A 157 -4.39 -25.10 -11.51
CA LEU A 157 -3.76 -23.95 -12.18
C LEU A 157 -2.52 -23.42 -11.44
N ALA A 158 -2.53 -23.52 -10.11
CA ALA A 158 -1.48 -22.96 -9.25
C ALA A 158 -0.14 -23.64 -9.42
N ASP A 159 0.94 -22.86 -9.28
CA ASP A 159 2.30 -23.41 -9.28
C ASP A 159 2.89 -23.55 -7.88
N ILE A 160 2.34 -22.77 -6.94
CA ILE A 160 2.74 -22.73 -5.54
C ILE A 160 1.46 -22.63 -4.72
N ILE A 161 1.28 -23.52 -3.74
CA ILE A 161 0.15 -23.41 -2.85
C ILE A 161 0.70 -23.44 -1.43
N THR A 162 -0.05 -22.88 -0.50
CA THR A 162 0.45 -22.66 0.84
C THR A 162 -0.64 -22.88 1.85
N PRO A 163 -1.24 -24.09 1.82
CA PRO A 163 -2.35 -24.39 2.71
C PRO A 163 -1.84 -24.63 4.14
N ASN A 164 -2.66 -24.37 5.15
CA ASN A 164 -2.33 -24.90 6.43
C ASN A 164 -2.70 -26.39 6.44
N GLN A 165 -2.66 -27.03 7.60
CA GLN A 165 -2.95 -28.49 7.71
C GLN A 165 -4.42 -28.82 7.34
N PHE A 166 -5.35 -28.09 7.94
CA PHE A 166 -6.75 -28.23 7.65
C PHE A 166 -7.08 -28.12 6.16
N GLU A 167 -6.46 -27.16 5.48
CA GLU A 167 -6.71 -26.95 4.07
C GLU A 167 -6.11 -28.06 3.23
N ALA A 168 -4.99 -28.60 3.66
CA ALA A 168 -4.38 -29.73 2.95
C ALA A 168 -5.28 -30.98 3.06
N GLU A 169 -5.95 -31.14 4.20
CA GLU A 169 -6.79 -32.27 4.45
C GLU A 169 -8.04 -32.20 3.58
N LEU A 170 -8.64 -31.01 3.53
CA LEU A 170 -9.82 -30.77 2.75
C LEU A 170 -9.59 -30.98 1.28
N LEU A 171 -8.47 -30.44 0.77
CA LEU A 171 -8.16 -30.48 -0.67
C LEU A 171 -7.79 -31.85 -1.14
N SER A 172 -7.33 -32.68 -0.22
CA SER A 172 -6.85 -34.01 -0.53
C SER A 172 -7.89 -35.09 -0.22
N GLY A 173 -8.88 -34.76 0.61
CA GLY A 173 -9.80 -35.78 1.13
C GLY A 173 -9.26 -36.47 2.38
N ARG A 174 -7.95 -36.78 2.39
CA ARG A 174 -7.26 -37.50 3.49
C ARG A 174 -7.10 -36.70 4.80
N LYS A 175 -7.10 -37.41 5.94
CA LYS A 175 -6.80 -36.80 7.24
C LYS A 175 -5.28 -36.89 7.48
N ILE A 176 -4.71 -35.86 8.12
CA ILE A 176 -3.25 -35.78 8.33
C ILE A 176 -2.96 -35.84 9.82
N HIS A 177 -2.29 -36.90 10.25
CA HIS A 177 -2.00 -37.12 11.67
C HIS A 177 -0.53 -37.37 11.97
N SER A 178 0.26 -37.58 10.93
CA SER A 178 1.68 -37.81 11.07
C SER A 178 2.46 -37.06 10.01
N GLN A 179 3.76 -36.91 10.21
CA GLN A 179 4.63 -36.34 9.21
C GLN A 179 4.61 -37.10 7.85
N GLU A 180 4.26 -38.38 7.88
CA GLU A 180 4.34 -39.20 6.68
C GLU A 180 3.03 -39.15 5.88
N GLU A 181 1.91 -39.04 6.61
CA GLU A 181 0.63 -38.73 5.99
C GLU A 181 0.71 -37.36 5.30
N ALA A 182 1.16 -36.34 6.04
CA ALA A 182 1.42 -35.00 5.49
C ALA A 182 2.22 -35.01 4.17
N LEU A 183 3.29 -35.79 4.10
CA LEU A 183 4.11 -35.85 2.88
C LEU A 183 3.47 -36.66 1.77
N ARG A 184 2.52 -37.50 2.09
CA ARG A 184 1.81 -38.24 1.05
C ARG A 184 0.71 -37.36 0.49
N VAL A 185 0.04 -36.61 1.38
CA VAL A 185 -0.93 -35.62 0.98
C VAL A 185 -0.27 -34.57 0.10
N MET A 186 0.99 -34.26 0.38
CA MET A 186 1.73 -33.31 -0.46
C MET A 186 2.02 -33.89 -1.84
N ASP A 187 2.21 -35.21 -1.91
CA ASP A 187 2.32 -35.95 -3.19
C ASP A 187 1.04 -35.89 -4.02
N MET A 188 -0.11 -35.96 -3.33
CA MET A 188 -1.39 -35.82 -3.99
C MET A 188 -1.54 -34.44 -4.63
N LEU A 189 -1.26 -33.40 -3.84
CA LEU A 189 -1.41 -32.02 -4.29
C LEU A 189 -0.45 -31.70 -5.42
N HIS A 190 0.75 -32.30 -5.37
CA HIS A 190 1.72 -32.18 -6.47
C HIS A 190 1.15 -32.63 -7.80
N SER A 191 0.43 -33.76 -7.73
CA SER A 191 -0.12 -34.40 -8.90
C SER A 191 -1.41 -33.71 -9.34
N MET A 192 -2.00 -32.86 -8.47
CA MET A 192 -3.12 -32.01 -8.89
C MET A 192 -2.67 -30.82 -9.74
N GLY A 193 -1.35 -30.55 -9.73
CA GLY A 193 -0.77 -29.45 -10.48
C GLY A 193 0.48 -28.83 -9.88
N PRO A 194 0.35 -28.15 -8.72
CA PRO A 194 1.45 -27.30 -8.21
C PRO A 194 2.77 -28.03 -7.97
N ASP A 195 3.87 -27.37 -8.34
CA ASP A 195 5.21 -27.90 -8.17
C ASP A 195 5.83 -27.62 -6.80
N THR A 196 5.31 -26.62 -6.10
CA THR A 196 5.76 -26.28 -4.77
C THR A 196 4.56 -26.34 -3.85
N VAL A 197 4.66 -27.18 -2.83
CA VAL A 197 3.61 -27.31 -1.81
C VAL A 197 4.24 -27.04 -0.44
N VAL A 198 3.61 -26.19 0.35
CA VAL A 198 4.13 -25.81 1.64
C VAL A 198 2.99 -25.75 2.59
N ILE A 199 2.96 -26.70 3.54
CA ILE A 199 2.00 -26.62 4.62
C ILE A 199 2.53 -25.59 5.61
N THR A 200 1.76 -24.51 5.81
CA THR A 200 2.22 -23.32 6.53
C THR A 200 2.07 -23.40 8.06
N SER A 201 1.25 -24.31 8.53
CA SER A 201 1.20 -24.60 9.96
C SER A 201 0.55 -25.99 10.20
N SER A 202 0.96 -26.72 11.24
CA SER A 202 0.32 -28.01 11.57
C SER A 202 0.37 -28.45 13.03
N ASP A 203 -0.61 -29.29 13.42
CA ASP A 203 -0.70 -29.97 14.72
C ASP A 203 0.49 -30.89 15.05
N LEU A 204 1.28 -31.23 14.03
CA LEU A 204 2.25 -32.33 14.17
C LEU A 204 3.22 -32.18 15.36
N PRO A 205 3.59 -33.30 16.01
CA PRO A 205 4.42 -33.15 17.19
C PRO A 205 5.88 -32.87 16.82
N SER A 206 6.54 -32.09 17.68
CA SER A 206 7.97 -31.76 17.54
C SER A 206 8.75 -32.48 18.64
N PRO A 207 9.96 -33.00 18.33
CA PRO A 207 10.83 -33.54 19.40
C PRO A 207 11.40 -32.47 20.37
N GLN A 208 11.01 -31.22 20.17
CA GLN A 208 11.56 -30.16 21.00
C GLN A 208 10.62 -29.57 22.03
N GLY A 209 9.33 -29.88 21.96
CA GLY A 209 8.38 -29.39 22.94
C GLY A 209 6.95 -29.38 22.46
N SER A 210 6.04 -29.16 23.40
CA SER A 210 4.62 -28.93 23.11
C SER A 210 4.39 -27.59 22.37
N ASN A 211 5.24 -26.60 22.68
CA ASN A 211 5.06 -25.24 22.20
C ASN A 211 5.65 -25.05 20.80
N TYR A 212 5.29 -25.97 19.91
CA TYR A 212 5.79 -25.96 18.54
C TYR A 212 4.73 -26.17 17.51
N LEU A 213 5.07 -25.81 16.28
CA LEU A 213 4.14 -25.72 15.16
C LEU A 213 5.02 -26.14 13.99
N ILE A 214 4.53 -27.08 13.17
CA ILE A 214 5.39 -27.68 12.14
C ILE A 214 5.07 -27.13 10.77
N VAL A 215 6.11 -26.77 10.01
CA VAL A 215 5.98 -26.37 8.63
C VAL A 215 6.68 -27.41 7.78
N LEU A 216 5.94 -27.92 6.78
CA LEU A 216 6.46 -28.88 5.80
C LEU A 216 6.49 -28.29 4.40
N GLY A 217 7.55 -28.57 3.66
CA GLY A 217 7.70 -27.98 2.32
C GLY A 217 8.14 -29.02 1.32
N SER A 218 7.58 -28.95 0.10
CA SER A 218 7.86 -29.95 -0.94
C SER A 218 7.95 -29.30 -2.32
N GLN A 219 9.02 -29.60 -3.04
CA GLN A 219 9.23 -29.00 -4.34
C GLN A 219 9.66 -30.02 -5.42
N ARG A 220 8.94 -30.01 -6.54
CA ARG A 220 9.31 -30.79 -7.72
C ARG A 220 10.11 -29.91 -8.69
N ARG A 221 11.25 -30.41 -9.15
CA ARG A 221 12.12 -29.65 -10.06
C ARG A 221 12.71 -30.56 -11.18
N ARG A 222 13.53 -29.94 -12.06
CA ARG A 222 14.07 -30.55 -13.31
C ARG A 222 14.57 -32.00 -13.18
N VAL A 228 13.02 -35.53 -12.99
CA VAL A 228 12.24 -35.05 -11.85
C VAL A 228 12.99 -35.29 -10.54
N VAL A 229 13.36 -34.21 -9.84
CA VAL A 229 13.93 -34.32 -8.49
C VAL A 229 12.98 -33.73 -7.43
N MET A 230 13.07 -34.25 -6.22
CA MET A 230 12.26 -33.74 -5.11
C MET A 230 13.17 -33.12 -4.06
N GLU A 231 12.68 -32.06 -3.42
CA GLU A 231 13.33 -31.48 -2.24
C GLU A 231 12.24 -31.42 -1.23
N ARG A 232 12.53 -31.86 -0.01
CA ARG A 232 11.53 -31.92 1.06
C ARG A 232 12.17 -31.45 2.36
N ILE A 233 11.46 -30.56 3.06
CA ILE A 233 11.99 -29.90 4.24
C ILE A 233 10.96 -29.88 5.36
N ARG A 234 11.46 -29.70 6.57
CA ARG A 234 10.68 -29.63 7.76
C ARG A 234 11.25 -28.50 8.59
N MET A 235 10.37 -27.83 9.31
CA MET A 235 10.79 -26.77 10.19
C MET A 235 9.96 -26.86 11.44
N ASP A 236 10.63 -26.75 12.57
CA ASP A 236 9.95 -26.76 13.85
C ASP A 236 9.97 -25.36 14.42
N ILE A 237 8.80 -24.81 14.69
CA ILE A 237 8.70 -23.41 15.04
C ILE A 237 8.04 -23.19 16.39
N ARG A 238 8.77 -22.50 17.27
CA ARG A 238 8.32 -22.16 18.60
C ARG A 238 7.06 -21.28 18.52
N LYS A 239 5.92 -21.81 18.97
CA LYS A 239 4.70 -21.03 19.07
C LYS A 239 4.85 -19.84 20.02
N VAL A 240 4.06 -18.80 19.78
CA VAL A 240 3.93 -17.65 20.69
C VAL A 240 2.46 -17.61 21.11
N ASP A 241 2.18 -17.27 22.35
CA ASP A 241 0.84 -17.44 22.85
C ASP A 241 -0.13 -16.30 22.44
N ALA A 242 -0.55 -16.31 21.17
CA ALA A 242 -1.37 -15.24 20.64
C ALA A 242 -1.86 -15.59 19.27
N VAL A 243 -3.03 -15.05 18.93
CA VAL A 243 -3.59 -15.22 17.61
C VAL A 243 -3.32 -13.96 16.81
N PHE A 244 -2.51 -14.12 15.75
CA PHE A 244 -2.24 -13.05 14.78
C PHE A 244 -3.12 -13.19 13.55
N VAL A 245 -3.35 -12.07 12.88
CA VAL A 245 -4.04 -12.04 11.58
C VAL A 245 -3.09 -11.51 10.51
N GLY A 246 -3.12 -12.12 9.33
CA GLY A 246 -2.28 -11.70 8.21
C GLY A 246 -0.99 -12.45 8.06
N THR A 247 -0.67 -13.29 9.04
CA THR A 247 0.59 -14.07 9.00
C THR A 247 0.64 -15.12 7.89
N GLY A 248 -0.50 -15.74 7.60
CA GLY A 248 -0.58 -16.65 6.42
C GLY A 248 -0.37 -15.88 5.12
N ASP A 249 -1.05 -14.75 4.99
CA ASP A 249 -0.84 -13.84 3.84
C ASP A 249 0.64 -13.48 3.71
N LEU A 250 1.24 -13.02 4.81
CA LEU A 250 2.68 -12.69 4.84
C LEU A 250 3.57 -13.86 4.42
N PHE A 251 3.21 -15.07 4.88
CA PHE A 251 3.94 -16.30 4.50
C PHE A 251 3.91 -16.49 2.97
N ALA A 252 2.70 -16.47 2.42
CA ALA A 252 2.54 -16.65 0.95
C ALA A 252 3.38 -15.65 0.20
N ALA A 253 3.32 -14.37 0.61
CA ALA A 253 4.03 -13.29 -0.12
C ALA A 253 5.51 -13.46 -0.04
N MET A 254 6.00 -13.86 1.14
CA MET A 254 7.44 -13.99 1.33
C MET A 254 7.98 -15.22 0.65
N LEU A 255 7.21 -16.30 0.67
CA LEU A 255 7.61 -17.49 -0.10
C LEU A 255 7.72 -17.13 -1.58
N LEU A 256 6.76 -16.35 -2.10
CA LEU A 256 6.86 -15.86 -3.50
C LEU A 256 8.15 -15.11 -3.63
N ALA A 257 8.40 -14.16 -2.74
CA ALA A 257 9.63 -13.37 -2.89
C ALA A 257 10.87 -14.28 -2.81
N TRP A 258 10.94 -15.17 -1.81
CA TRP A 258 12.17 -15.93 -1.61
C TRP A 258 12.40 -17.10 -2.57
N THR A 259 11.34 -17.77 -3.02
CA THR A 259 11.53 -18.76 -4.10
C THR A 259 11.91 -18.07 -5.43
N HIS A 260 11.52 -16.80 -5.60
CA HIS A 260 12.00 -16.01 -6.75
C HIS A 260 13.52 -15.89 -6.73
N LYS A 261 14.08 -15.41 -5.61
CA LYS A 261 15.54 -15.29 -5.43
C LYS A 261 16.32 -16.63 -5.36
N HIS A 262 15.72 -17.67 -4.77
CA HIS A 262 16.38 -18.98 -4.64
C HIS A 262 15.52 -20.08 -5.27
N PRO A 263 15.47 -20.11 -6.62
CA PRO A 263 14.46 -20.94 -7.33
C PRO A 263 14.71 -22.47 -7.30
N ASN A 264 15.94 -22.89 -6.99
CA ASN A 264 16.20 -24.34 -6.81
C ASN A 264 16.73 -24.61 -5.41
N ASN A 265 16.12 -23.95 -4.43
CA ASN A 265 16.55 -24.04 -3.04
C ASN A 265 15.39 -23.75 -2.08
N LEU A 266 14.48 -24.72 -1.98
CA LEU A 266 13.29 -24.62 -1.12
C LEU A 266 13.68 -24.49 0.35
N LYS A 267 14.78 -25.17 0.73
CA LYS A 267 15.37 -25.05 2.08
C LYS A 267 15.60 -23.56 2.48
N VAL A 268 16.48 -22.87 1.73
CA VAL A 268 16.85 -21.47 2.00
C VAL A 268 15.64 -20.54 1.85
N ALA A 269 14.85 -20.74 0.81
CA ALA A 269 13.65 -19.94 0.60
C ALA A 269 12.67 -20.01 1.79
N CYS A 270 12.48 -21.21 2.32
CA CYS A 270 11.66 -21.38 3.52
C CYS A 270 12.28 -20.80 4.79
N GLU A 271 13.60 -20.84 4.89
CA GLU A 271 14.28 -20.33 6.10
C GLU A 271 14.17 -18.82 6.17
N LYS A 272 14.26 -18.18 4.99
CA LYS A 272 14.18 -16.72 4.91
C LYS A 272 12.75 -16.26 5.13
N THR A 273 11.79 -17.06 4.66
CA THR A 273 10.37 -16.79 4.84
C THR A 273 10.02 -16.83 6.30
N VAL A 274 10.26 -17.96 6.93
CA VAL A 274 9.92 -18.12 8.33
C VAL A 274 10.73 -17.17 9.27
N SER A 275 12.02 -16.95 8.99
CA SER A 275 12.77 -15.99 9.82
C SER A 275 12.15 -14.59 9.78
N THR A 276 11.74 -14.14 8.59
CA THR A 276 11.03 -12.87 8.42
C THR A 276 9.80 -12.85 9.36
N LEU A 277 9.12 -13.98 9.43
CA LEU A 277 7.94 -14.10 10.26
C LEU A 277 8.25 -14.00 11.74
N HIS A 278 9.33 -14.67 12.15
CA HIS A 278 9.83 -14.55 13.51
C HIS A 278 10.08 -13.08 13.89
N HIS A 279 10.95 -12.42 13.15
CA HIS A 279 11.30 -11.03 13.42
C HIS A 279 10.07 -10.12 13.50
N VAL A 280 9.16 -10.20 12.51
CA VAL A 280 7.91 -9.42 12.52
C VAL A 280 7.06 -9.71 13.76
N LEU A 281 6.95 -10.99 14.11
CA LEU A 281 6.05 -11.38 15.24
C LEU A 281 6.68 -11.03 16.57
N GLN A 282 7.97 -11.35 16.69
CA GLN A 282 8.77 -10.95 17.83
C GLN A 282 8.47 -9.47 18.16
N ARG A 283 8.70 -8.60 17.18
CA ARG A 283 8.49 -7.16 17.37
C ARG A 283 7.04 -6.84 17.78
N THR A 284 6.08 -7.57 17.19
CA THR A 284 4.67 -7.38 17.44
C THR A 284 4.31 -7.81 18.85
N ILE A 285 4.83 -8.93 19.29
CA ILE A 285 4.47 -9.40 20.62
C ILE A 285 5.11 -8.54 21.69
N GLN A 286 6.36 -8.12 21.47
CA GLN A 286 7.08 -7.18 22.37
C GLN A 286 6.33 -5.85 22.47
N CYS A 287 5.84 -5.38 21.34
CA CYS A 287 5.09 -4.15 21.28
C CYS A 287 3.69 -4.28 21.90
N ALA A 288 3.03 -5.40 21.63
CA ALA A 288 1.67 -5.69 22.13
C ALA A 288 1.63 -5.80 23.66
N LYS A 289 2.60 -6.55 24.22
CA LYS A 289 2.78 -6.67 25.67
C LYS A 289 2.98 -5.29 26.34
N ALA A 290 3.83 -4.44 25.74
CA ALA A 290 4.09 -3.08 26.25
C ALA A 290 2.84 -2.19 26.21
N GLN A 291 2.08 -2.26 25.11
CA GLN A 291 0.83 -1.50 24.97
C GLN A 291 -0.25 -1.92 25.98
N ALA A 292 -0.39 -3.21 26.22
CA ALA A 292 -1.44 -3.76 27.10
C ALA A 292 -1.06 -3.82 28.60
N GLY A 293 0.23 -3.64 28.89
CA GLY A 293 0.74 -3.70 30.26
C GLY A 293 1.14 -5.11 30.69
N GLU A 294 2.19 -5.19 31.52
CA GLU A 294 2.71 -6.47 32.05
C GLU A 294 1.62 -7.21 32.84
N GLY A 295 1.26 -8.41 32.38
CA GLY A 295 0.17 -9.17 32.95
C GLY A 295 -0.98 -9.37 31.98
N VAL A 296 -1.56 -8.27 31.48
CA VAL A 296 -2.79 -8.32 30.64
C VAL A 296 -2.53 -8.93 29.25
N ARG A 297 -3.50 -9.71 28.74
CA ARG A 297 -3.48 -10.25 27.37
C ARG A 297 -3.93 -9.17 26.34
N PRO A 298 -3.15 -8.96 25.25
CA PRO A 298 -3.44 -7.86 24.33
C PRO A 298 -4.67 -8.08 23.42
N SER A 299 -5.26 -6.96 22.96
CA SER A 299 -6.40 -6.99 22.03
C SER A 299 -5.96 -7.31 20.57
N PRO A 300 -6.92 -7.57 19.65
CA PRO A 300 -6.56 -7.69 18.23
C PRO A 300 -5.83 -6.45 17.70
N MET A 301 -6.22 -5.27 18.20
CA MET A 301 -5.59 -3.99 17.77
C MET A 301 -4.11 -3.94 18.08
N GLN A 302 -3.77 -4.38 19.29
CA GLN A 302 -2.39 -4.33 19.77
C GLN A 302 -1.55 -5.41 19.14
N LEU A 303 -2.23 -6.40 18.52
CA LEU A 303 -1.58 -7.56 17.87
C LEU A 303 -1.36 -7.43 16.33
N GLU A 304 -1.72 -6.28 15.75
CA GLU A 304 -1.49 -6.03 14.32
C GLU A 304 -0.01 -6.08 14.06
N LEU A 305 0.37 -6.81 13.03
CA LEU A 305 1.76 -6.87 12.63
C LEU A 305 2.41 -5.49 12.55
N ARG A 306 3.51 -5.32 13.28
CA ARG A 306 4.29 -4.13 13.17
C ARG A 306 5.15 -4.26 11.92
N MET A 307 4.46 -4.09 10.77
CA MET A 307 5.01 -4.29 9.42
C MET A 307 6.06 -3.26 9.01
N VAL A 308 5.67 -2.00 9.13
CA VAL A 308 6.49 -0.86 8.75
C VAL A 308 7.83 -0.87 9.51
N GLN A 309 7.74 -1.07 10.82
CA GLN A 309 8.91 -1.17 11.69
C GLN A 309 9.80 -2.38 11.34
N SER A 310 9.28 -3.37 10.60
CA SER A 310 10.08 -4.55 10.31
C SER A 310 10.78 -4.45 8.99
N LYS A 311 10.84 -3.22 8.45
CA LYS A 311 11.42 -2.98 7.12
C LYS A 311 12.77 -3.70 6.92
N ARG A 312 13.72 -3.40 7.81
CA ARG A 312 15.09 -3.96 7.73
C ARG A 312 15.16 -5.50 7.78
N ASP A 313 14.33 -6.12 8.62
CA ASP A 313 14.26 -7.58 8.70
C ASP A 313 13.61 -8.24 7.46
N ILE A 314 12.74 -7.48 6.75
CA ILE A 314 12.17 -7.96 5.46
C ILE A 314 13.22 -7.93 4.31
N GLU A 315 14.03 -6.87 4.26
CA GLU A 315 15.10 -6.75 3.24
C GLU A 315 16.12 -7.85 3.36
N ASP A 316 16.49 -8.20 4.60
CA ASP A 316 17.59 -9.12 4.86
C ASP A 316 17.34 -9.80 6.19
N PRO A 317 16.52 -10.84 6.19
CA PRO A 317 16.22 -11.48 7.48
C PRO A 317 17.42 -12.28 7.99
N GLU A 318 17.63 -12.17 9.30
CA GLU A 318 18.62 -12.95 9.99
C GLU A 318 18.02 -14.32 10.16
N ILE A 319 18.69 -15.35 9.67
CA ILE A 319 18.18 -16.74 9.80
C ILE A 319 18.19 -17.16 11.27
N VAL A 320 17.03 -17.49 11.82
CA VAL A 320 16.94 -17.92 13.22
C VAL A 320 16.33 -19.33 13.35
N VAL A 321 16.01 -19.93 12.21
CA VAL A 321 15.62 -21.35 12.17
C VAL A 321 16.38 -22.04 11.07
N GLN A 322 16.84 -23.25 11.35
CA GLN A 322 17.34 -24.10 10.30
C GLN A 322 16.27 -25.14 9.93
N ALA A 323 16.18 -25.42 8.62
CA ALA A 323 15.28 -26.42 8.07
C ALA A 323 15.95 -27.79 8.12
N THR A 324 15.21 -28.80 8.53
CA THR A 324 15.64 -30.21 8.35
C THR A 324 15.32 -30.68 6.90
N VAL A 325 16.35 -31.13 6.18
CA VAL A 325 16.18 -31.83 4.90
C VAL A 325 15.54 -33.19 5.20
N LEU A 326 14.71 -33.72 4.28
CA LEU A 326 13.78 -34.82 4.65
C LEU A 326 13.86 -36.06 3.74
N SER B 19 4.02 7.60 13.72
CA SER B 19 2.82 8.47 13.63
C SER B 19 1.83 8.01 12.53
N ARG B 20 0.55 8.20 12.83
CA ARG B 20 -0.55 7.68 12.01
C ARG B 20 -1.09 8.68 11.02
N VAL B 21 -1.18 8.23 9.76
CA VAL B 21 -1.66 9.06 8.65
C VAL B 21 -2.87 8.40 7.98
N LEU B 22 -4.04 9.04 8.07
CA LEU B 22 -5.19 8.63 7.28
C LEU B 22 -5.14 9.31 5.88
N SER B 23 -4.92 8.52 4.84
CA SER B 23 -4.77 9.05 3.49
C SER B 23 -5.96 8.68 2.61
N ILE B 24 -6.78 9.66 2.29
CA ILE B 24 -7.95 9.45 1.43
C ILE B 24 -7.63 9.99 0.05
N GLN B 25 -7.46 9.07 -0.88
CA GLN B 25 -7.04 9.35 -2.25
C GLN B 25 -7.33 8.15 -3.14
N SER B 26 -7.11 8.35 -4.44
CA SER B 26 -7.37 7.31 -5.44
C SER B 26 -6.35 6.14 -5.40
N HIS B 27 -6.77 4.96 -5.90
CA HIS B 27 -5.89 3.76 -5.98
C HIS B 27 -5.94 3.24 -7.40
N VAL B 28 -4.79 2.97 -7.98
CA VAL B 28 -4.73 2.30 -9.26
C VAL B 28 -4.02 0.95 -9.13
N ILE B 29 -4.42 0.01 -9.97
CA ILE B 29 -3.77 -1.26 -10.06
C ILE B 29 -2.39 -1.14 -10.70
N ARG B 30 -2.34 -0.70 -11.93
CA ARG B 30 -1.04 -0.39 -12.52
C ARG B 30 -0.70 1.08 -12.30
N GLY B 31 0.50 1.33 -11.81
CA GLY B 31 1.04 2.66 -11.71
C GLY B 31 1.02 3.29 -10.32
N TYR B 32 1.45 4.55 -10.29
CA TYR B 32 1.72 5.26 -9.06
C TYR B 32 1.10 6.69 -9.09
N VAL B 33 -0.07 6.81 -8.46
CA VAL B 33 -0.83 8.07 -8.39
C VAL B 33 -1.67 7.90 -7.12
N GLY B 34 -2.15 9.01 -6.55
CA GLY B 34 -2.97 8.92 -5.33
C GLY B 34 -2.28 8.10 -4.24
N ASN B 35 -3.02 7.22 -3.59
CA ASN B 35 -2.48 6.31 -2.57
C ASN B 35 -1.39 5.35 -3.00
N ARG B 36 -1.26 5.12 -4.32
CA ARG B 36 -0.11 4.39 -4.85
C ARG B 36 1.18 5.22 -4.88
N ALA B 37 1.07 6.52 -5.18
CA ALA B 37 2.25 7.37 -5.12
C ALA B 37 2.70 7.71 -3.66
N ALA B 38 1.76 7.72 -2.70
CA ALA B 38 2.00 8.22 -1.35
C ALA B 38 2.30 7.14 -0.29
N THR B 39 1.68 5.95 -0.42
CA THR B 39 1.73 4.95 0.65
C THR B 39 3.13 4.42 0.90
N PHE B 40 3.69 3.76 -0.10
CA PHE B 40 4.98 3.13 0.01
C PHE B 40 6.12 4.06 0.49
N PRO B 41 6.28 5.27 -0.13
CA PRO B 41 7.36 6.11 0.42
C PRO B 41 7.10 6.54 1.88
N LEU B 42 5.85 6.80 2.26
CA LEU B 42 5.58 7.12 3.67
C LEU B 42 5.94 5.92 4.56
N GLN B 43 5.49 4.72 4.16
CA GLN B 43 5.84 3.47 4.83
C GLN B 43 7.39 3.27 5.04
N VAL B 44 8.15 3.46 3.97
CA VAL B 44 9.59 3.38 3.99
C VAL B 44 10.22 4.38 5.00
N LEU B 45 9.52 5.49 5.27
CA LEU B 45 10.01 6.53 6.20
C LEU B 45 9.44 6.36 7.61
N GLY B 46 8.72 5.24 7.85
CA GLY B 46 8.28 4.83 9.18
C GLY B 46 6.85 5.19 9.58
N PHE B 47 6.06 5.71 8.66
CA PHE B 47 4.72 6.13 9.05
C PHE B 47 3.69 5.00 9.02
N GLU B 48 2.76 5.08 9.95
CA GLU B 48 1.68 4.15 9.97
C GLU B 48 0.59 4.75 9.07
N ILE B 49 0.74 4.52 7.77
CA ILE B 49 -0.22 5.09 6.82
C ILE B 49 -1.41 4.18 6.53
N ASP B 50 -2.60 4.66 6.91
CA ASP B 50 -3.85 4.00 6.64
C ASP B 50 -4.44 4.59 5.38
N ALA B 51 -4.60 3.76 4.35
CA ALA B 51 -5.03 4.21 3.03
C ALA B 51 -6.53 3.96 2.82
N VAL B 52 -7.28 5.04 2.57
CA VAL B 52 -8.67 4.97 2.16
C VAL B 52 -8.72 5.26 0.65
N ASN B 53 -9.10 4.25 -0.12
CA ASN B 53 -9.13 4.38 -1.58
C ASN B 53 -10.45 4.96 -2.08
N SER B 54 -10.34 6.12 -2.75
CA SER B 54 -11.53 6.89 -3.15
C SER B 54 -12.05 6.42 -4.49
N VAL B 55 -11.16 5.84 -5.29
CA VAL B 55 -11.53 5.09 -6.47
C VAL B 55 -10.69 3.82 -6.53
N GLN B 56 -11.10 2.85 -7.34
CA GLN B 56 -10.20 1.80 -7.75
C GLN B 56 -10.28 1.65 -9.26
N PHE B 57 -9.18 2.01 -9.92
CA PHE B 57 -9.11 2.05 -11.36
C PHE B 57 -7.97 1.17 -11.79
N SER B 58 -7.94 0.83 -13.07
CA SER B 58 -6.94 -0.06 -13.58
C SER B 58 -5.62 0.67 -13.75
N ASN B 59 -5.70 1.99 -13.87
CA ASN B 59 -4.54 2.84 -14.17
C ASN B 59 -5.03 4.26 -14.14
N HIS B 60 -4.13 5.23 -14.21
CA HIS B 60 -4.56 6.64 -14.21
C HIS B 60 -5.31 7.03 -15.53
N THR B 61 -6.02 8.17 -15.49
CA THR B 61 -6.92 8.56 -16.57
C THR B 61 -6.21 9.23 -17.74
N GLY B 62 -4.89 9.26 -17.68
CA GLY B 62 -4.09 9.86 -18.73
C GLY B 62 -3.65 8.82 -19.76
N TYR B 63 -4.08 7.58 -19.57
CA TYR B 63 -3.86 6.51 -20.53
C TYR B 63 -5.01 6.52 -21.52
N ALA B 64 -4.75 5.92 -22.68
CA ALA B 64 -5.77 5.75 -23.71
C ALA B 64 -7.06 5.18 -23.12
N HIS B 65 -6.92 4.17 -22.24
CA HIS B 65 -8.07 3.54 -21.56
C HIS B 65 -7.93 3.49 -20.05
N TRP B 66 -9.05 3.54 -19.34
CA TRP B 66 -9.12 3.22 -17.93
C TRP B 66 -10.52 2.75 -17.65
N LYS B 67 -10.66 1.84 -16.70
CA LYS B 67 -11.95 1.39 -16.22
C LYS B 67 -11.85 1.22 -14.73
N GLY B 68 -12.96 1.33 -14.01
CA GLY B 68 -12.94 1.15 -12.59
C GLY B 68 -14.17 1.58 -11.85
N GLN B 69 -14.07 1.55 -10.52
CA GLN B 69 -15.17 1.90 -9.62
C GLN B 69 -14.82 3.10 -8.74
N VAL B 70 -15.85 3.72 -8.18
CA VAL B 70 -15.69 4.93 -7.43
C VAL B 70 -16.30 4.70 -6.06
N LEU B 71 -15.66 5.25 -5.04
CA LEU B 71 -16.22 5.25 -3.71
C LEU B 71 -17.13 6.48 -3.55
N ASN B 72 -18.33 6.26 -3.01
CA ASN B 72 -19.25 7.38 -2.80
C ASN B 72 -19.33 7.72 -1.35
N SER B 73 -19.88 8.90 -1.05
CA SER B 73 -19.76 9.51 0.28
C SER B 73 -20.50 8.74 1.38
N ASP B 74 -21.34 7.80 0.99
CA ASP B 74 -22.03 6.92 1.95
C ASP B 74 -21.12 5.80 2.41
N GLU B 75 -20.41 5.20 1.45
CA GLU B 75 -19.46 4.13 1.70
C GLU B 75 -18.25 4.66 2.47
N LEU B 76 -17.78 5.87 2.09
CA LEU B 76 -16.76 6.55 2.88
C LEU B 76 -17.22 6.70 4.33
N GLN B 77 -18.50 7.01 4.51
CA GLN B 77 -19.06 7.15 5.84
C GLN B 77 -19.13 5.82 6.57
N GLU B 78 -19.56 4.75 5.88
CA GLU B 78 -19.48 3.39 6.44
C GLU B 78 -18.09 3.08 7.00
N LEU B 79 -17.07 3.32 6.16
CA LEU B 79 -15.69 2.95 6.49
C LEU B 79 -15.19 3.68 7.73
N TYR B 80 -15.56 4.96 7.85
CA TYR B 80 -15.22 5.72 9.03
C TYR B 80 -16.03 5.27 10.25
N GLU B 81 -17.33 5.02 10.06
CA GLU B 81 -18.18 4.48 11.13
C GLU B 81 -17.59 3.20 11.71
N GLY B 82 -17.01 2.37 10.83
CA GLY B 82 -16.27 1.18 11.23
C GLY B 82 -15.04 1.48 12.06
N LEU B 83 -14.32 2.57 11.73
CA LEU B 83 -13.17 2.96 12.55
C LEU B 83 -13.59 3.58 13.91
N ARG B 84 -14.62 4.41 13.91
CA ARG B 84 -15.14 4.98 15.14
C ARG B 84 -15.66 3.88 16.12
N LEU B 85 -16.39 2.90 15.61
CA LEU B 85 -16.95 1.82 16.44
C LEU B 85 -15.90 1.01 17.21
N ASN B 86 -14.69 0.92 16.66
CA ASN B 86 -13.57 0.22 17.30
C ASN B 86 -12.63 1.16 18.02
N ASN B 87 -13.04 2.43 18.15
CA ASN B 87 -12.19 3.52 18.71
C ASN B 87 -10.82 3.60 18.03
N MET B 88 -10.83 3.57 16.69
CA MET B 88 -9.60 3.68 15.87
C MET B 88 -9.51 4.99 15.07
N ASN B 89 -10.42 5.92 15.36
CA ASN B 89 -10.41 7.24 14.73
C ASN B 89 -9.52 8.21 15.49
N LYS B 90 -8.27 7.83 15.72
CA LYS B 90 -7.30 8.70 16.35
C LYS B 90 -6.08 8.75 15.48
N TYR B 91 -5.89 9.88 14.80
CA TYR B 91 -4.81 10.01 13.84
C TYR B 91 -3.96 11.21 14.15
N ASP B 92 -2.70 11.16 13.72
CA ASP B 92 -1.79 12.31 13.81
C ASP B 92 -1.80 13.19 12.56
N TYR B 93 -2.23 12.60 11.43
CA TYR B 93 -2.25 13.26 10.12
C TYR B 93 -3.41 12.81 9.26
N VAL B 94 -3.94 13.74 8.48
CA VAL B 94 -4.82 13.40 7.39
C VAL B 94 -4.20 13.95 6.14
N LEU B 95 -4.23 13.13 5.10
CA LEU B 95 -3.71 13.47 3.79
C LEU B 95 -4.85 13.29 2.76
N THR B 96 -5.11 14.34 1.97
CA THR B 96 -6.12 14.31 0.89
C THR B 96 -5.56 14.91 -0.38
N GLY B 97 -6.13 14.50 -1.51
CA GLY B 97 -5.69 14.96 -2.82
C GLY B 97 -6.87 14.96 -3.79
N TYR B 98 -6.61 14.51 -5.02
CA TYR B 98 -7.58 14.53 -6.12
C TYR B 98 -8.92 13.82 -5.82
N THR B 99 -9.97 14.63 -5.76
CA THR B 99 -11.36 14.18 -5.75
C THR B 99 -12.22 14.98 -6.76
N ARG B 100 -13.21 14.32 -7.35
CA ARG B 100 -14.05 15.01 -8.33
C ARG B 100 -15.48 15.22 -7.82
N ASP B 101 -15.81 14.65 -6.68
CA ASP B 101 -17.19 14.70 -6.18
C ASP B 101 -17.31 15.59 -4.91
N LYS B 102 -18.21 16.60 -4.99
CA LYS B 102 -18.44 17.60 -3.92
C LYS B 102 -19.06 16.93 -2.71
N SER B 103 -20.05 16.10 -2.96
CA SER B 103 -20.66 15.23 -1.97
C SER B 103 -19.56 14.50 -1.14
N PHE B 104 -18.60 13.87 -1.83
CA PHE B 104 -17.45 13.16 -1.23
C PHE B 104 -16.57 14.10 -0.41
N LEU B 105 -16.17 15.20 -1.03
CA LEU B 105 -15.35 16.24 -0.39
C LEU B 105 -15.99 16.79 0.91
N ALA B 106 -17.30 17.03 0.89
CA ALA B 106 -18.02 17.44 2.10
C ALA B 106 -18.00 16.36 3.18
N MET B 107 -18.13 15.10 2.79
CA MET B 107 -17.96 13.98 3.74
C MET B 107 -16.51 13.93 4.31
N VAL B 108 -15.50 14.11 3.46
CA VAL B 108 -14.12 14.27 3.95
C VAL B 108 -14.06 15.34 5.05
N VAL B 109 -14.64 16.50 4.73
CA VAL B 109 -14.68 17.64 5.68
C VAL B 109 -15.26 17.25 7.04
N ASP B 110 -16.45 16.62 7.05
CA ASP B 110 -17.03 16.14 8.32
C ASP B 110 -16.02 15.33 9.07
N ILE B 111 -15.45 14.33 8.37
CA ILE B 111 -14.53 13.36 8.95
C ILE B 111 -13.30 14.02 9.58
N VAL B 112 -12.75 15.04 8.92
CA VAL B 112 -11.62 15.77 9.47
C VAL B 112 -12.00 16.58 10.75
N GLN B 113 -13.19 17.20 10.76
CA GLN B 113 -13.64 17.96 11.94
C GLN B 113 -13.71 17.08 13.18
N GLU B 114 -14.40 15.96 13.05
CA GLU B 114 -14.54 14.96 14.12
C GLU B 114 -13.14 14.51 14.60
N LEU B 115 -12.26 14.19 13.64
CA LEU B 115 -10.90 13.76 13.94
C LEU B 115 -10.10 14.83 14.66
N LYS B 116 -10.42 16.11 14.42
CA LYS B 116 -9.72 17.20 15.08
C LYS B 116 -10.25 17.46 16.49
N GLN B 117 -11.52 17.15 16.71
CA GLN B 117 -12.06 17.13 18.06
C GLN B 117 -11.42 15.97 18.81
N GLN B 118 -11.32 14.82 18.15
CA GLN B 118 -10.68 13.65 18.73
C GLN B 118 -9.21 13.91 19.11
N ASN B 119 -8.47 14.62 18.27
CA ASN B 119 -7.06 14.96 18.52
C ASN B 119 -6.74 16.37 18.04
N PRO B 120 -6.79 17.37 18.94
CA PRO B 120 -6.57 18.77 18.50
C PRO B 120 -5.21 19.05 17.89
N ARG B 121 -4.28 18.12 18.01
CA ARG B 121 -2.94 18.32 17.45
C ARG B 121 -2.85 17.74 16.02
N LEU B 122 -3.93 17.16 15.52
CA LEU B 122 -3.97 16.64 14.15
C LEU B 122 -3.53 17.66 13.05
N VAL B 123 -2.63 17.24 12.18
CA VAL B 123 -2.17 18.08 11.07
C VAL B 123 -2.89 17.60 9.77
N TYR B 124 -3.72 18.46 9.19
CA TYR B 124 -4.39 18.14 7.94
C TYR B 124 -3.58 18.67 6.77
N VAL B 125 -3.03 17.74 6.01
CA VAL B 125 -2.26 18.05 4.81
C VAL B 125 -3.18 17.89 3.60
N CYS B 126 -3.40 18.98 2.89
CA CYS B 126 -4.39 19.02 1.83
C CYS B 126 -3.79 19.38 0.49
N ASP B 127 -3.90 18.47 -0.46
CA ASP B 127 -3.56 18.79 -1.83
C ASP B 127 -4.86 19.25 -2.50
N PRO B 128 -5.03 20.60 -2.70
CA PRO B 128 -6.30 21.13 -3.20
C PRO B 128 -6.35 21.06 -4.72
N VAL B 129 -6.49 19.82 -5.23
CA VAL B 129 -6.35 19.54 -6.65
C VAL B 129 -7.53 20.09 -7.46
N LEU B 130 -7.22 21.04 -8.35
CA LEU B 130 -8.27 21.75 -9.11
C LEU B 130 -7.95 21.77 -10.57
N GLY B 131 -6.68 21.73 -10.93
CA GLY B 131 -6.33 21.89 -12.33
C GLY B 131 -4.90 22.29 -12.52
N ASP B 132 -4.59 22.80 -13.71
CA ASP B 132 -3.25 23.17 -14.00
C ASP B 132 -3.19 24.07 -15.22
N LYS B 133 -1.99 24.61 -15.48
CA LYS B 133 -1.75 25.49 -16.60
C LYS B 133 -1.37 24.70 -17.85
N TRP B 134 -2.30 24.64 -18.80
CA TRP B 134 -2.14 23.89 -20.05
C TRP B 134 -0.86 24.26 -20.83
N ASP B 135 -0.63 25.58 -21.01
CA ASP B 135 0.59 26.13 -21.66
C ASP B 135 0.75 27.65 -21.37
N GLY B 136 0.17 28.08 -20.25
CA GLY B 136 0.03 29.50 -19.92
C GLY B 136 -1.44 29.86 -19.67
N GLU B 137 -2.34 29.00 -20.16
CA GLU B 137 -3.78 29.17 -19.94
C GLU B 137 -4.30 28.01 -19.07
N GLY B 138 -4.98 28.36 -17.98
CA GLY B 138 -5.41 27.39 -17.00
C GLY B 138 -6.66 26.64 -17.37
N SER B 139 -6.73 25.37 -17.01
CA SER B 139 -7.92 24.55 -17.26
C SER B 139 -8.26 23.71 -16.02
N MET B 140 -9.50 23.83 -15.56
CA MET B 140 -9.99 23.06 -14.43
C MET B 140 -10.17 21.57 -14.76
N TYR B 141 -9.91 20.72 -13.76
CA TYR B 141 -9.90 19.25 -13.88
C TYR B 141 -10.99 18.67 -13.02
N VAL B 142 -11.80 19.55 -12.47
CA VAL B 142 -12.66 19.23 -11.36
C VAL B 142 -13.93 20.04 -11.54
N PRO B 143 -15.11 19.48 -11.18
CA PRO B 143 -16.36 20.29 -11.22
C PRO B 143 -16.23 21.67 -10.54
N GLU B 144 -16.66 22.74 -11.23
CA GLU B 144 -16.67 24.13 -10.68
C GLU B 144 -17.09 24.20 -9.22
N ASP B 145 -18.19 23.51 -8.88
CA ASP B 145 -18.86 23.65 -7.58
C ASP B 145 -18.09 23.09 -6.37
N LEU B 146 -16.92 22.50 -6.62
CA LEU B 146 -15.97 22.07 -5.59
C LEU B 146 -15.14 23.24 -5.07
N LEU B 147 -14.98 24.28 -5.89
CA LEU B 147 -14.17 25.44 -5.52
C LEU B 147 -14.69 26.18 -4.26
N PRO B 148 -16.01 26.51 -4.22
CA PRO B 148 -16.59 27.03 -2.96
C PRO B 148 -16.34 26.14 -1.75
N VAL B 149 -16.34 24.82 -1.95
CA VAL B 149 -16.10 23.86 -0.87
C VAL B 149 -14.63 23.88 -0.35
N TYR B 150 -13.67 23.96 -1.27
CA TYR B 150 -12.29 24.14 -0.89
C TYR B 150 -12.01 25.51 -0.20
N LYS B 151 -12.63 26.57 -0.72
CA LYS B 151 -12.44 27.90 -0.15
C LYS B 151 -13.01 28.02 1.26
N GLU B 152 -14.20 27.48 1.49
CA GLU B 152 -14.94 27.82 2.70
C GLU B 152 -14.93 26.72 3.73
N LYS B 153 -14.75 25.48 3.28
CA LYS B 153 -14.84 24.34 4.18
C LYS B 153 -13.51 23.61 4.40
N VAL B 154 -12.73 23.42 3.32
CA VAL B 154 -11.52 22.58 3.34
C VAL B 154 -10.26 23.35 3.76
N VAL B 155 -9.94 24.45 3.06
CA VAL B 155 -8.71 25.19 3.31
C VAL B 155 -8.64 25.78 4.75
N PRO B 156 -9.79 26.29 5.30
CA PRO B 156 -9.76 26.73 6.71
C PRO B 156 -9.30 25.61 7.66
N LEU B 157 -9.76 24.40 7.37
CA LEU B 157 -9.47 23.24 8.17
C LEU B 157 -8.01 22.70 7.97
N ALA B 158 -7.35 23.10 6.88
CA ALA B 158 -6.02 22.58 6.55
C ALA B 158 -4.92 23.28 7.34
N ASP B 159 -3.82 22.55 7.55
CA ASP B 159 -2.66 23.05 8.24
C ASP B 159 -1.50 23.18 7.26
N ILE B 160 -1.44 22.23 6.31
CA ILE B 160 -0.49 22.28 5.19
C ILE B 160 -1.25 22.19 3.85
N ILE B 161 -1.00 23.12 2.92
CA ILE B 161 -1.59 22.99 1.58
C ILE B 161 -0.54 23.03 0.51
N THR B 162 -0.79 22.35 -0.62
CA THR B 162 0.22 22.25 -1.71
C THR B 162 -0.33 22.57 -3.11
N PRO B 163 -0.95 23.76 -3.30
CA PRO B 163 -1.48 24.05 -4.64
C PRO B 163 -0.37 24.25 -5.65
N ASN B 164 -0.65 23.95 -6.94
CA ASN B 164 0.19 24.51 -7.99
C ASN B 164 -0.25 25.98 -8.25
N GLN B 165 0.43 26.65 -9.18
CA GLN B 165 0.13 28.06 -9.46
C GLN B 165 -1.36 28.28 -9.71
N PHE B 166 -1.90 27.52 -10.66
CA PHE B 166 -3.30 27.67 -11.05
C PHE B 166 -4.25 27.51 -9.86
N GLU B 167 -3.95 26.53 -9.00
CA GLU B 167 -4.77 26.27 -7.85
C GLU B 167 -4.67 27.44 -6.87
N ALA B 168 -3.45 27.93 -6.61
CA ALA B 168 -3.27 29.16 -5.81
C ALA B 168 -4.13 30.29 -6.36
N GLU B 169 -4.05 30.52 -7.68
CA GLU B 169 -4.87 31.55 -8.33
C GLU B 169 -6.35 31.33 -8.09
N LEU B 170 -6.82 30.09 -8.26
CA LEU B 170 -8.25 29.80 -8.04
C LEU B 170 -8.72 29.96 -6.59
N LEU B 171 -7.96 29.47 -5.63
CA LEU B 171 -8.30 29.65 -4.20
C LEU B 171 -8.19 31.13 -3.79
N SER B 172 -7.19 31.79 -4.37
CA SER B 172 -6.86 33.18 -4.10
C SER B 172 -7.87 34.19 -4.64
N GLY B 173 -8.37 33.94 -5.86
CA GLY B 173 -9.15 34.91 -6.58
C GLY B 173 -8.25 35.96 -7.22
N ARG B 174 -6.94 35.70 -7.26
CA ARG B 174 -5.96 36.61 -7.84
C ARG B 174 -5.07 35.87 -8.83
N LYS B 175 -4.63 36.57 -9.86
CA LYS B 175 -3.78 35.97 -10.89
C LYS B 175 -2.34 36.11 -10.45
N ILE B 176 -1.48 35.14 -10.76
CA ILE B 176 -0.08 35.22 -10.38
C ILE B 176 0.77 35.31 -11.60
N HIS B 177 1.41 36.47 -11.78
CA HIS B 177 2.26 36.70 -12.95
C HIS B 177 3.68 37.04 -12.57
N SER B 178 3.96 37.15 -11.27
CA SER B 178 5.32 37.43 -10.73
C SER B 178 5.54 36.83 -9.33
N GLN B 179 6.80 36.72 -8.91
CA GLN B 179 7.13 36.29 -7.54
C GLN B 179 6.35 37.10 -6.48
N GLU B 180 6.38 38.43 -6.65
CA GLU B 180 5.65 39.38 -5.81
C GLU B 180 4.17 38.99 -5.63
N GLU B 181 3.44 38.79 -6.72
CA GLU B 181 2.01 38.39 -6.62
C GLU B 181 1.80 37.02 -5.96
N ALA B 182 2.70 36.08 -6.25
CA ALA B 182 2.71 34.76 -5.57
C ALA B 182 2.75 34.91 -4.02
N LEU B 183 3.67 35.74 -3.52
CA LEU B 183 3.78 35.96 -2.05
C LEU B 183 2.53 36.59 -1.41
N ARG B 184 1.94 37.60 -2.08
CA ARG B 184 0.62 38.11 -1.66
C ARG B 184 -0.41 36.97 -1.62
N VAL B 185 -0.46 36.16 -2.67
CA VAL B 185 -1.41 35.03 -2.65
C VAL B 185 -1.13 34.08 -1.49
N MET B 186 0.13 33.75 -1.27
CA MET B 186 0.48 32.91 -0.10
C MET B 186 0.00 33.49 1.26
N ASP B 187 0.26 34.77 1.50
CA ASP B 187 -0.34 35.44 2.69
C ASP B 187 -1.85 35.29 2.75
N MET B 188 -2.53 35.42 1.61
CA MET B 188 -3.99 35.26 1.58
C MET B 188 -4.38 33.86 1.97
N LEU B 189 -3.65 32.89 1.43
CA LEU B 189 -3.89 31.48 1.74
C LEU B 189 -3.66 31.17 3.23
N HIS B 190 -2.57 31.72 3.81
CA HIS B 190 -2.35 31.71 5.28
C HIS B 190 -3.57 32.26 6.03
N SER B 191 -4.03 33.45 5.62
CA SER B 191 -5.22 34.09 6.25
C SER B 191 -6.46 33.23 6.20
N MET B 192 -6.52 32.31 5.25
CA MET B 192 -7.67 31.39 5.17
C MET B 192 -7.57 30.25 6.16
N GLY B 193 -6.34 29.83 6.48
CA GLY B 193 -6.17 28.68 7.36
C GLY B 193 -4.75 28.17 7.59
N PRO B 194 -4.19 27.45 6.59
CA PRO B 194 -2.94 26.69 6.78
C PRO B 194 -1.72 27.55 7.15
N ASP B 195 -0.95 27.07 8.12
CA ASP B 195 0.28 27.69 8.52
C ASP B 195 1.38 27.32 7.57
N THR B 196 1.16 26.34 6.71
CA THR B 196 2.12 26.02 5.63
C THR B 196 1.49 26.02 4.23
N VAL B 197 2.09 26.79 3.35
CA VAL B 197 1.61 26.94 2.02
C VAL B 197 2.76 26.68 1.10
N VAL B 198 2.67 25.64 0.30
CA VAL B 198 3.69 25.43 -0.76
C VAL B 198 3.03 25.40 -2.13
N ILE B 199 3.50 26.25 -3.01
CA ILE B 199 3.04 26.26 -4.37
C ILE B 199 3.97 25.31 -5.11
N THR B 200 3.42 24.19 -5.56
CA THR B 200 4.22 23.10 -6.10
C THR B 200 4.77 23.25 -7.51
N SER B 201 4.33 24.26 -8.25
CA SER B 201 4.90 24.55 -9.58
C SER B 201 4.33 25.83 -10.15
N SER B 202 5.14 26.55 -10.96
CA SER B 202 4.70 27.82 -11.53
C SER B 202 5.41 28.22 -12.85
N ASP B 203 4.77 29.10 -13.63
CA ASP B 203 5.38 29.83 -14.79
C ASP B 203 6.57 30.68 -14.41
N LEU B 204 6.45 31.34 -13.26
CA LEU B 204 7.34 32.42 -12.83
C LEU B 204 8.74 32.41 -13.48
N PRO B 205 9.19 33.58 -13.96
CA PRO B 205 10.46 33.54 -14.71
C PRO B 205 11.58 33.12 -13.81
N SER B 206 12.52 32.38 -14.36
CA SER B 206 13.73 32.04 -13.64
C SER B 206 14.95 32.72 -14.25
N PRO B 207 15.82 33.30 -13.41
CA PRO B 207 17.12 33.82 -13.88
C PRO B 207 18.11 32.73 -14.37
N GLN B 208 17.59 31.58 -14.76
CA GLN B 208 18.47 30.46 -15.15
C GLN B 208 18.12 29.91 -16.51
N GLY B 209 16.93 30.25 -17.01
CA GLY B 209 16.54 29.84 -18.32
C GLY B 209 15.04 29.73 -18.49
N SER B 210 14.65 29.37 -19.70
CA SER B 210 13.27 29.18 -20.06
C SER B 210 12.69 27.87 -19.46
N ASN B 211 13.41 26.75 -19.63
CA ASN B 211 12.93 25.41 -19.20
C ASN B 211 13.12 25.18 -17.67
N TYR B 212 12.51 26.09 -16.90
CA TYR B 212 12.63 26.11 -15.46
C TYR B 212 11.28 26.34 -14.87
N LEU B 213 11.05 25.73 -13.73
CA LEU B 213 9.80 25.70 -12.98
C LEU B 213 10.14 26.24 -11.61
N ILE B 214 9.20 26.94 -10.98
CA ILE B 214 9.50 27.58 -9.70
C ILE B 214 8.61 27.09 -8.59
N VAL B 215 9.25 26.68 -7.49
CA VAL B 215 8.56 26.23 -6.29
C VAL B 215 8.71 27.32 -5.22
N LEU B 216 7.61 27.64 -4.55
CA LEU B 216 7.59 28.61 -3.45
C LEU B 216 6.96 28.03 -2.20
N GLY B 217 7.54 28.33 -1.05
CA GLY B 217 7.00 27.92 0.21
C GLY B 217 7.03 28.99 1.28
N SER B 218 6.02 29.00 2.12
CA SER B 218 6.07 29.82 3.29
C SER B 218 5.43 29.08 4.46
N GLN B 219 6.07 29.17 5.63
CA GLN B 219 5.53 28.56 6.84
C GLN B 219 5.49 29.59 7.96
N ARG B 220 4.37 29.63 8.66
CA ARG B 220 4.17 30.47 9.83
C ARG B 220 4.15 29.58 11.05
N ARG B 221 4.91 29.96 12.08
CA ARG B 221 4.95 29.19 13.33
C ARG B 221 5.27 30.08 14.57
N ARG B 222 4.74 29.72 15.75
CA ARG B 222 5.13 30.36 17.00
C ARG B 222 6.51 29.84 17.40
N ASN B 223 7.47 30.75 17.59
CA ASN B 223 8.82 30.37 18.09
C ASN B 223 8.82 30.06 19.62
N PRO B 224 9.88 29.37 20.13
CA PRO B 224 10.05 29.17 21.59
C PRO B 224 9.49 30.33 22.46
N ALA B 225 10.00 31.56 22.25
CA ALA B 225 9.53 32.75 22.99
C ALA B 225 8.00 32.95 22.95
N GLY B 226 7.39 32.76 21.78
CA GLY B 226 5.95 32.96 21.64
C GLY B 226 5.52 33.95 20.57
N SER B 227 6.48 34.45 19.79
CA SER B 227 6.15 35.29 18.64
C SER B 227 5.90 34.46 17.36
N VAL B 228 5.01 34.96 16.51
CA VAL B 228 4.68 34.30 15.26
C VAL B 228 5.59 34.77 14.14
N VAL B 229 6.50 33.91 13.69
CA VAL B 229 7.42 34.21 12.61
C VAL B 229 7.09 33.43 11.30
N MET B 230 7.74 33.81 10.22
CA MET B 230 7.46 33.22 8.92
C MET B 230 8.73 32.95 8.15
N GLU B 231 8.89 31.72 7.71
CA GLU B 231 10.01 31.34 6.81
C GLU B 231 9.51 31.22 5.37
N ARG B 232 10.21 31.85 4.42
CA ARG B 232 9.87 31.75 3.00
C ARG B 232 11.03 31.28 2.14
N ILE B 233 10.77 30.34 1.22
CA ILE B 233 11.82 29.82 0.33
C ILE B 233 11.42 29.81 -1.13
N ARG B 234 12.43 29.72 -2.00
CA ARG B 234 12.22 29.64 -3.45
C ARG B 234 13.11 28.57 -3.94
N MET B 235 12.65 27.82 -4.93
CA MET B 235 13.51 26.87 -5.62
C MET B 235 13.35 26.94 -7.13
N ASP B 236 14.49 26.89 -7.83
CA ASP B 236 14.47 26.99 -9.29
C ASP B 236 14.79 25.62 -9.88
N ILE B 237 13.79 25.03 -10.53
CA ILE B 237 13.91 23.63 -10.95
C ILE B 237 13.86 23.45 -12.48
N ARG B 238 14.92 22.85 -13.02
CA ARG B 238 15.03 22.57 -14.46
C ARG B 238 13.95 21.57 -14.87
N LYS B 239 13.06 21.97 -15.80
CA LYS B 239 12.03 21.06 -16.32
C LYS B 239 12.69 20.00 -17.20
N VAL B 240 12.00 18.87 -17.37
CA VAL B 240 12.43 17.86 -18.31
C VAL B 240 11.28 17.66 -19.31
N ASP B 241 11.60 17.11 -20.47
CA ASP B 241 10.68 17.08 -21.61
C ASP B 241 9.56 16.01 -21.53
N ALA B 242 8.83 15.96 -20.43
CA ALA B 242 7.82 14.93 -20.25
C ALA B 242 6.77 15.33 -19.26
N VAL B 243 5.59 14.74 -19.40
CA VAL B 243 4.52 14.87 -18.41
C VAL B 243 4.40 13.59 -17.53
N PHE B 244 4.60 13.78 -16.22
CA PHE B 244 4.46 12.72 -15.24
C PHE B 244 3.13 12.80 -14.54
N VAL B 245 2.73 11.69 -13.93
CA VAL B 245 1.51 11.67 -13.14
C VAL B 245 1.86 11.11 -11.73
N GLY B 246 1.17 11.61 -10.72
CA GLY B 246 1.43 11.24 -9.34
C GLY B 246 2.53 12.05 -8.63
N THR B 247 3.27 12.90 -9.37
CA THR B 247 4.39 13.65 -8.77
C THR B 247 3.89 14.75 -7.79
N GLY B 248 2.63 15.20 -7.97
CA GLY B 248 1.99 16.13 -7.05
C GLY B 248 1.46 15.42 -5.81
N ASP B 249 0.93 14.23 -6.00
CA ASP B 249 0.60 13.37 -4.88
C ASP B 249 1.85 13.06 -4.03
N LEU B 250 2.98 12.82 -4.69
CA LEU B 250 4.24 12.47 -4.03
C LEU B 250 4.89 13.69 -3.33
N PHE B 251 4.76 14.87 -3.93
CA PHE B 251 5.24 16.12 -3.30
C PHE B 251 4.56 16.28 -1.93
N ALA B 252 3.23 16.25 -1.91
CA ALA B 252 2.46 16.45 -0.70
C ALA B 252 2.84 15.44 0.37
N ALA B 253 2.95 14.16 -0.03
CA ALA B 253 3.29 13.09 0.88
C ALA B 253 4.67 13.30 1.52
N MET B 254 5.65 13.68 0.71
CA MET B 254 7.00 13.97 1.19
C MET B 254 7.08 15.28 2.03
N LEU B 255 6.21 16.24 1.74
CA LEU B 255 6.20 17.48 2.51
C LEU B 255 5.77 17.14 3.93
N LEU B 256 4.69 16.37 4.03
CA LEU B 256 4.25 15.77 5.30
C LEU B 256 5.41 15.10 6.04
N ALA B 257 6.11 14.18 5.37
CA ALA B 257 7.16 13.39 6.02
C ALA B 257 8.29 14.27 6.49
N TRP B 258 8.76 15.15 5.62
CA TRP B 258 9.92 15.96 5.89
C TRP B 258 9.65 17.21 6.75
N THR B 259 8.40 17.68 6.80
CA THR B 259 8.06 18.70 7.81
C THR B 259 7.87 18.07 9.17
N HIS B 260 7.39 16.83 9.20
CA HIS B 260 7.28 16.06 10.43
C HIS B 260 8.63 15.88 11.12
N LYS B 261 9.70 15.73 10.33
CA LYS B 261 11.06 15.53 10.85
C LYS B 261 11.81 16.85 11.11
N HIS B 262 11.56 17.85 10.28
CA HIS B 262 12.13 19.21 10.42
C HIS B 262 11.02 20.27 10.59
N PRO B 263 10.29 20.24 11.72
CA PRO B 263 9.06 21.04 11.89
C PRO B 263 9.30 22.54 11.97
N ASN B 264 10.55 22.92 12.24
CA ASN B 264 10.93 24.33 12.32
C ASN B 264 11.91 24.68 11.25
N ASN B 265 11.84 23.98 10.13
CA ASN B 265 12.82 24.20 9.06
C ASN B 265 12.26 23.92 7.67
N LEU B 266 11.38 24.80 7.20
CA LEU B 266 10.80 24.67 5.87
C LEU B 266 11.86 24.48 4.74
N LYS B 267 12.99 25.17 4.85
CA LYS B 267 14.03 25.12 3.82
C LYS B 267 14.53 23.69 3.61
N VAL B 268 14.94 23.04 4.70
CA VAL B 268 15.43 21.66 4.68
C VAL B 268 14.31 20.68 4.26
N ALA B 269 13.13 20.86 4.81
CA ALA B 269 11.96 20.07 4.42
C ALA B 269 11.69 20.06 2.92
N CYS B 270 11.73 21.25 2.29
CA CYS B 270 11.48 21.39 0.87
C CYS B 270 12.63 20.89 0.05
N GLU B 271 13.85 21.04 0.58
CA GLU B 271 15.03 20.57 -0.17
C GLU B 271 15.05 19.05 -0.27
N LYS B 272 14.56 18.38 0.75
CA LYS B 272 14.52 16.95 0.78
C LYS B 272 13.37 16.42 -0.05
N THR B 273 12.21 17.07 0.12
CA THR B 273 11.02 16.75 -0.65
C THR B 273 11.30 16.80 -2.16
N VAL B 274 11.93 17.88 -2.58
CA VAL B 274 12.17 18.15 -3.96
C VAL B 274 13.37 17.33 -4.48
N SER B 275 14.35 17.08 -3.61
CA SER B 275 15.45 16.19 -3.98
C SER B 275 14.99 14.75 -4.20
N THR B 276 14.01 14.32 -3.42
CA THR B 276 13.43 13.01 -3.59
C THR B 276 12.82 12.89 -5.00
N LEU B 277 12.03 13.90 -5.39
CA LEU B 277 11.42 13.96 -6.72
C LEU B 277 12.47 13.85 -7.80
N HIS B 278 13.56 14.57 -7.64
CA HIS B 278 14.63 14.51 -8.61
C HIS B 278 15.07 13.08 -8.80
N HIS B 279 15.36 12.39 -7.70
CA HIS B 279 15.95 11.07 -7.75
C HIS B 279 14.98 10.09 -8.37
N VAL B 280 13.70 10.22 -8.01
CA VAL B 280 12.66 9.39 -8.57
C VAL B 280 12.51 9.66 -10.10
N LEU B 281 12.52 10.94 -10.46
CA LEU B 281 12.32 11.36 -11.83
C LEU B 281 13.53 11.06 -12.71
N GLN B 282 14.72 11.30 -12.18
CA GLN B 282 15.95 10.93 -12.86
C GLN B 282 15.88 9.46 -13.26
N ARG B 283 15.57 8.60 -12.28
CA ARG B 283 15.50 7.14 -12.51
C ARG B 283 14.38 6.76 -13.52
N THR B 284 13.27 7.46 -13.44
CA THR B 284 12.12 7.24 -14.33
C THR B 284 12.42 7.70 -15.76
N ILE B 285 13.08 8.85 -15.91
CA ILE B 285 13.45 9.35 -17.23
C ILE B 285 14.41 8.35 -17.89
N GLN B 286 15.45 7.92 -17.17
CA GLN B 286 16.41 6.92 -17.66
C GLN B 286 15.76 5.59 -18.05
N CYS B 287 14.80 5.14 -17.25
CA CYS B 287 14.14 3.87 -17.52
C CYS B 287 13.16 3.98 -18.71
N ALA B 288 12.62 5.18 -18.94
CA ALA B 288 11.76 5.41 -20.09
C ALA B 288 12.58 5.40 -21.38
N LYS B 289 13.78 5.97 -21.31
CA LYS B 289 14.71 6.03 -22.45
C LYS B 289 15.11 4.63 -22.92
N ALA B 290 15.48 3.77 -21.98
CA ALA B 290 15.79 2.36 -22.26
C ALA B 290 14.64 1.58 -22.96
N GLN B 291 13.42 1.67 -22.42
CA GLN B 291 12.26 0.95 -22.95
C GLN B 291 11.67 1.62 -24.21
N SER B 299 3.58 4.98 -24.62
CA SER B 299 2.62 5.02 -23.53
C SER B 299 3.13 5.86 -22.33
N PRO B 300 2.19 6.44 -21.56
CA PRO B 300 2.48 6.87 -20.18
C PRO B 300 3.06 5.77 -19.25
N MET B 301 3.06 4.49 -19.69
CA MET B 301 3.63 3.38 -18.88
C MET B 301 5.14 3.55 -18.68
N GLN B 302 5.84 4.00 -19.70
CA GLN B 302 7.28 4.29 -19.56
C GLN B 302 7.55 5.41 -18.52
N LEU B 303 6.54 6.26 -18.30
CA LEU B 303 6.67 7.42 -17.41
C LEU B 303 6.00 7.23 -16.02
N GLU B 304 5.53 6.02 -15.73
CA GLU B 304 5.14 5.67 -14.36
C GLU B 304 6.35 5.84 -13.43
N LEU B 305 6.12 6.48 -12.28
CA LEU B 305 7.19 6.69 -11.30
C LEU B 305 7.80 5.35 -10.89
N ARG B 306 9.11 5.23 -11.05
CA ARG B 306 9.84 4.10 -10.56
C ARG B 306 9.98 4.26 -9.03
N MET B 307 8.87 4.01 -8.32
CA MET B 307 8.78 4.14 -6.85
C MET B 307 9.62 3.10 -6.07
N VAL B 308 9.33 1.82 -6.33
CA VAL B 308 9.96 0.70 -5.68
C VAL B 308 11.49 0.77 -5.76
N GLN B 309 11.99 1.23 -6.91
CA GLN B 309 13.42 1.23 -7.20
C GLN B 309 14.12 2.42 -6.55
N SER B 310 13.33 3.36 -6.02
CA SER B 310 13.90 4.56 -5.45
C SER B 310 13.97 4.52 -3.91
N LYS B 311 13.69 3.33 -3.34
CA LYS B 311 13.63 3.16 -1.88
C LYS B 311 14.76 3.84 -1.12
N ARG B 312 16.01 3.60 -1.54
CA ARG B 312 17.18 4.22 -0.89
C ARG B 312 17.16 5.75 -0.99
N ASP B 313 16.76 6.27 -2.14
CA ASP B 313 16.66 7.70 -2.34
C ASP B 313 15.58 8.32 -1.45
N ILE B 314 14.52 7.56 -1.17
CA ILE B 314 13.41 8.04 -0.35
C ILE B 314 13.82 8.11 1.12
N GLU B 315 14.50 7.05 1.57
CA GLU B 315 15.02 6.93 2.96
C GLU B 315 15.96 8.06 3.33
N ASP B 316 16.89 8.34 2.44
CA ASP B 316 17.93 9.31 2.70
C ASP B 316 18.28 10.00 1.37
N PRO B 317 17.54 11.07 1.02
CA PRO B 317 17.78 11.70 -0.25
C PRO B 317 18.97 12.68 -0.23
N GLU B 318 19.90 12.46 -1.15
CA GLU B 318 21.04 13.34 -1.39
C GLU B 318 20.47 14.67 -1.88
N ILE B 319 20.88 15.75 -1.24
CA ILE B 319 20.38 17.09 -1.60
C ILE B 319 21.07 17.53 -2.86
N VAL B 320 20.29 17.87 -3.86
CA VAL B 320 20.79 18.20 -5.21
C VAL B 320 20.27 19.58 -5.68
N VAL B 321 19.54 20.28 -4.81
CA VAL B 321 19.04 21.64 -5.04
C VAL B 321 19.03 22.38 -3.72
N GLN B 322 19.59 23.57 -3.67
CA GLN B 322 19.46 24.41 -2.48
C GLN B 322 18.36 25.45 -2.73
N ALA B 323 17.60 25.78 -1.69
CA ALA B 323 16.56 26.80 -1.79
C ALA B 323 17.17 28.18 -1.66
N THR B 324 16.58 29.15 -2.34
CA THR B 324 16.86 30.56 -2.09
C THR B 324 16.00 31.00 -0.93
N VAL B 325 16.58 31.70 0.01
CA VAL B 325 15.84 32.25 1.15
C VAL B 325 15.17 33.53 0.67
N LEU B 326 13.90 33.72 1.06
CA LEU B 326 13.13 34.91 0.70
C LEU B 326 12.68 35.71 1.93
#